data_2XMA
#
_entry.id   2XMA
#
_cell.length_a   76.827
_cell.length_b   89.288
_cell.length_c   90.104
_cell.angle_alpha   90.00
_cell.angle_beta   111.23
_cell.angle_gamma   90.00
#
_symmetry.space_group_name_H-M   'P 1 21 1'
#
loop_
_entity.id
_entity.type
_entity.pdbx_description
1 polymer TRANSPOSASE
2 polymer 'DRA2 TRANSPOSASE RIGHT END RECOGNITION SITE'
3 non-polymer 'MAGNESIUM ION'
4 water water
#
loop_
_entity_poly.entity_id
_entity_poly.type
_entity_poly.pdbx_seq_one_letter_code
_entity_poly.pdbx_strand_id
1 'polypeptide(L)'
;GSHMTYVILPLEMKKGRGYVYQLEYHLIWCVKYRHQVLVGEVADGLKDILRDIAAQNGLEVITMEVMPDHVHLLLSATPQ
QAIPDFVKALKGASARRMFVAYPQLKEKLWGGNLWNPSYCILTVSENTRAQIQKYIESQHDKE
;
A,B,E,F
2 'polydeoxyribonucleotide'
;(DG)(DA)(DG)(DA)(DA)(DT)(DC)(DA)(DC)(DG)(DC)(DG)(DA)(DC)(DT)(DT)(DT)(DA)(DG)(DT)
(DC)(DG)(DT)(DG)(DT)(DG)(DA)(DG)(DG)(DT)(DT)(DC)(DA)(DA)
;
C,D,G,H
#
loop_
_chem_comp.id
_chem_comp.type
_chem_comp.name
_chem_comp.formula
DA DNA linking 2'-DEOXYADENOSINE-5'-MONOPHOSPHATE 'C10 H14 N5 O6 P'
DC DNA linking 2'-DEOXYCYTIDINE-5'-MONOPHOSPHATE 'C9 H14 N3 O7 P'
DG DNA linking 2'-DEOXYGUANOSINE-5'-MONOPHOSPHATE 'C10 H14 N5 O7 P'
DT DNA linking THYMIDINE-5'-MONOPHOSPHATE 'C10 H15 N2 O8 P'
MG non-polymer 'MAGNESIUM ION' 'Mg 2'
#
# COMPACT_ATOMS: atom_id res chain seq x y z
N GLY A 1 3.81 18.06 19.76
CA GLY A 1 2.45 17.55 19.61
C GLY A 1 2.21 16.96 18.24
N SER A 2 0.95 16.99 17.79
CA SER A 2 0.59 16.46 16.49
C SER A 2 0.20 17.55 15.48
N HIS A 3 0.35 17.22 14.20
CA HIS A 3 0.05 18.10 13.08
C HIS A 3 -0.78 17.25 12.14
N MET A 4 -1.89 17.78 11.64
CA MET A 4 -2.72 17.04 10.72
C MET A 4 -2.54 17.60 9.32
N THR A 5 -2.00 16.76 8.43
CA THR A 5 -1.77 17.15 7.05
C THR A 5 -2.87 16.58 6.15
N TYR A 6 -3.17 17.32 5.09
CA TYR A 6 -4.19 16.92 4.13
C TYR A 6 -3.64 17.16 2.72
N VAL A 7 -3.55 16.09 1.95
CA VAL A 7 -3.06 16.19 0.57
C VAL A 7 -4.19 15.90 -0.41
N ILE A 8 -4.12 16.52 -1.58
CA ILE A 8 -5.13 16.32 -2.61
C ILE A 8 -4.51 15.52 -3.75
N LEU A 9 -5.20 14.45 -4.13
CA LEU A 9 -4.73 13.57 -5.20
C LEU A 9 -5.86 13.11 -6.12
N PRO A 10 -5.56 12.94 -7.42
CA PRO A 10 -6.50 12.50 -8.45
C PRO A 10 -6.89 11.02 -8.35
N LEU A 11 -7.92 10.64 -9.12
CA LEU A 11 -8.46 9.29 -9.17
C LEU A 11 -9.32 9.19 -10.44
N GLU A 12 -8.97 8.26 -11.32
CA GLU A 12 -9.71 8.08 -12.58
C GLU A 12 -10.95 7.22 -12.39
N MET A 13 -12.08 7.64 -12.98
CA MET A 13 -13.33 6.87 -12.89
C MET A 13 -14.15 7.00 -14.16
N LYS A 14 -14.92 5.96 -14.46
CA LYS A 14 -15.78 5.97 -15.64
C LYS A 14 -17.21 6.21 -15.20
N LYS A 15 -18.03 6.70 -16.14
CA LYS A 15 -19.43 6.93 -15.85
C LYS A 15 -20.28 6.23 -16.88
N GLY A 16 -21.40 5.68 -16.43
CA GLY A 16 -22.35 5.01 -17.29
C GLY A 16 -23.71 5.60 -16.96
N ARG A 17 -24.76 5.00 -17.48
CA ARG A 17 -26.12 5.48 -17.26
C ARG A 17 -26.49 5.67 -15.79
N GLY A 18 -26.41 4.60 -15.00
CA GLY A 18 -26.77 4.71 -13.60
C GLY A 18 -25.67 4.23 -12.67
N TYR A 19 -24.43 4.51 -13.04
CA TYR A 19 -23.28 4.07 -12.25
C TYR A 19 -21.97 4.78 -12.60
N VAL A 20 -21.14 4.98 -11.58
CA VAL A 20 -19.83 5.59 -11.69
C VAL A 20 -18.92 4.48 -11.14
N TYR A 21 -17.89 4.11 -11.90
CA TYR A 21 -17.03 3.00 -11.48
C TYR A 21 -15.58 3.02 -11.96
N GLN A 22 -14.78 2.13 -11.38
CA GLN A 22 -13.37 1.95 -11.71
C GLN A 22 -13.10 0.50 -11.30
N LEU A 23 -13.29 -0.41 -12.25
CA LEU A 23 -13.15 -1.83 -11.99
C LEU A 23 -12.04 -2.50 -12.78
N GLU A 24 -11.00 -2.93 -12.08
CA GLU A 24 -9.89 -3.61 -12.70
C GLU A 24 -9.74 -4.95 -12.02
N TYR A 25 -9.27 -5.93 -12.79
CA TYR A 25 -9.06 -7.28 -12.30
C TYR A 25 -7.74 -7.83 -12.82
N HIS A 26 -7.05 -8.55 -11.94
CA HIS A 26 -5.81 -9.20 -12.28
C HIS A 26 -6.24 -10.65 -12.49
N LEU A 27 -6.25 -11.07 -13.76
CA LEU A 27 -6.64 -12.41 -14.13
C LEU A 27 -5.42 -13.24 -14.54
N ILE A 28 -5.32 -14.44 -14.00
CA ILE A 28 -4.19 -15.33 -14.28
C ILE A 28 -4.70 -16.73 -14.60
N TRP A 29 -4.03 -17.41 -15.52
CA TRP A 29 -4.39 -18.80 -15.85
C TRP A 29 -3.18 -19.47 -16.50
N CYS A 30 -3.06 -20.78 -16.32
CA CYS A 30 -1.93 -21.52 -16.85
C CYS A 30 -2.28 -22.43 -18.00
N VAL A 31 -1.24 -22.88 -18.70
CA VAL A 31 -1.38 -23.81 -19.81
C VAL A 31 -1.67 -25.15 -19.13
N LYS A 32 -2.44 -26.01 -19.80
CA LYS A 32 -2.78 -27.34 -19.29
C LYS A 32 -1.46 -28.13 -19.08
N TYR A 33 -1.34 -28.84 -17.95
CA TYR A 33 -0.14 -29.63 -17.59
C TYR A 33 1.07 -28.74 -17.35
N ARG A 34 0.82 -27.43 -17.36
CA ARG A 34 1.85 -26.41 -17.18
C ARG A 34 2.98 -26.55 -18.22
N HIS A 35 2.61 -26.96 -19.43
CA HIS A 35 3.58 -27.09 -20.51
C HIS A 35 4.04 -25.69 -20.91
N GLN A 36 5.34 -25.55 -21.14
CA GLN A 36 5.94 -24.28 -21.51
C GLN A 36 5.92 -24.10 -23.03
N VAL A 37 4.73 -23.89 -23.59
CA VAL A 37 4.56 -23.73 -25.03
C VAL A 37 4.30 -22.30 -25.51
N LEU A 38 4.05 -21.37 -24.60
CA LEU A 38 3.78 -19.98 -25.01
C LEU A 38 5.08 -19.21 -25.24
N VAL A 39 5.75 -19.52 -26.33
CA VAL A 39 7.02 -18.89 -26.66
C VAL A 39 7.08 -18.49 -28.14
N GLY A 40 7.97 -17.57 -28.46
CA GLY A 40 8.15 -17.12 -29.83
C GLY A 40 6.92 -16.57 -30.49
N GLU A 41 6.64 -17.04 -31.69
CA GLU A 41 5.47 -16.60 -32.45
C GLU A 41 4.17 -17.07 -31.82
N VAL A 42 4.21 -18.18 -31.09
CA VAL A 42 3.02 -18.71 -30.44
C VAL A 42 2.55 -17.70 -29.41
N ALA A 43 3.48 -17.18 -28.62
CA ALA A 43 3.16 -16.19 -27.60
C ALA A 43 2.60 -14.95 -28.29
N ASP A 44 3.26 -14.51 -29.36
CA ASP A 44 2.83 -13.33 -30.10
C ASP A 44 1.42 -13.49 -30.67
N GLY A 45 1.13 -14.67 -31.21
CA GLY A 45 -0.19 -14.92 -31.75
C GLY A 45 -1.25 -14.86 -30.66
N LEU A 46 -0.92 -15.38 -29.48
CA LEU A 46 -1.83 -15.37 -28.33
C LEU A 46 -2.21 -13.93 -27.98
N LYS A 47 -1.21 -13.06 -27.89
CA LYS A 47 -1.44 -11.65 -27.56
C LYS A 47 -2.44 -11.01 -28.52
N ASP A 48 -2.25 -11.24 -29.83
CA ASP A 48 -3.16 -10.70 -30.84
C ASP A 48 -4.58 -11.21 -30.63
N ILE A 49 -4.71 -12.50 -30.33
CA ILE A 49 -6.01 -13.13 -30.12
C ILE A 49 -6.68 -12.58 -28.85
N LEU A 50 -5.93 -12.51 -27.76
CA LEU A 50 -6.48 -11.99 -26.51
C LEU A 50 -6.93 -10.53 -26.66
N ARG A 51 -6.10 -9.69 -27.30
CA ARG A 51 -6.48 -8.30 -27.48
C ARG A 51 -7.72 -8.17 -28.38
N ASP A 52 -7.85 -9.06 -29.36
CA ASP A 52 -9.01 -9.01 -30.22
C ASP A 52 -10.27 -9.40 -29.43
N ILE A 53 -10.17 -10.47 -28.63
CA ILE A 53 -11.33 -10.91 -27.85
C ILE A 53 -11.72 -9.84 -26.85
N ALA A 54 -10.72 -9.26 -26.19
CA ALA A 54 -10.96 -8.20 -25.23
C ALA A 54 -11.70 -7.05 -25.91
N ALA A 55 -11.24 -6.65 -27.10
CA ALA A 55 -11.87 -5.57 -27.84
C ALA A 55 -13.30 -5.96 -28.24
N GLN A 56 -13.49 -7.18 -28.74
CA GLN A 56 -14.83 -7.62 -29.12
C GLN A 56 -15.81 -7.55 -27.97
N ASN A 57 -15.30 -7.73 -26.74
CA ASN A 57 -16.14 -7.71 -25.55
C ASN A 57 -16.12 -6.41 -24.77
N GLY A 58 -15.45 -5.40 -25.30
CA GLY A 58 -15.38 -4.12 -24.62
C GLY A 58 -14.57 -4.10 -23.34
N LEU A 59 -13.63 -5.03 -23.21
CA LEU A 59 -12.78 -5.08 -22.03
C LEU A 59 -11.50 -4.37 -22.41
N GLU A 60 -11.02 -3.51 -21.52
CA GLU A 60 -9.77 -2.78 -21.78
C GLU A 60 -8.61 -3.55 -21.16
N VAL A 61 -7.54 -3.70 -21.92
CA VAL A 61 -6.36 -4.41 -21.44
C VAL A 61 -5.34 -3.41 -20.94
N ILE A 62 -5.16 -3.38 -19.62
CA ILE A 62 -4.21 -2.48 -19.00
C ILE A 62 -2.80 -3.05 -19.09
N THR A 63 -2.68 -4.34 -18.79
CA THR A 63 -1.40 -5.05 -18.81
C THR A 63 -1.63 -6.48 -19.26
N MET A 64 -0.73 -6.98 -20.08
CA MET A 64 -0.78 -8.34 -20.58
C MET A 64 0.63 -8.90 -20.70
N GLU A 65 0.89 -9.96 -19.96
CA GLU A 65 2.20 -10.61 -20.02
C GLU A 65 1.95 -12.09 -20.25
N VAL A 66 2.67 -12.64 -21.22
CA VAL A 66 2.55 -14.03 -21.54
C VAL A 66 3.86 -14.73 -21.22
N MET A 67 3.80 -15.62 -20.23
CA MET A 67 4.97 -16.38 -19.85
C MET A 67 4.84 -17.73 -20.58
N PRO A 68 5.93 -18.53 -20.62
CA PRO A 68 5.86 -19.80 -21.33
C PRO A 68 4.73 -20.73 -20.89
N ASP A 69 4.43 -20.73 -19.59
CA ASP A 69 3.38 -21.61 -19.07
C ASP A 69 2.14 -20.95 -18.48
N HIS A 70 2.01 -19.63 -18.59
CA HIS A 70 0.83 -18.94 -18.05
C HIS A 70 0.68 -17.49 -18.55
N VAL A 71 -0.48 -16.92 -18.24
CA VAL A 71 -0.82 -15.57 -18.68
C VAL A 71 -1.27 -14.66 -17.55
N HIS A 72 -0.83 -13.40 -17.62
CA HIS A 72 -1.21 -12.39 -16.64
C HIS A 72 -1.91 -11.27 -17.40
N LEU A 73 -3.12 -10.95 -16.98
CA LEU A 73 -3.89 -9.87 -17.58
C LEU A 73 -4.42 -8.97 -16.48
N LEU A 74 -4.44 -7.68 -16.76
CA LEU A 74 -4.98 -6.69 -15.86
C LEU A 74 -6.01 -6.05 -16.77
N LEU A 75 -7.28 -6.31 -16.48
CA LEU A 75 -8.40 -5.81 -17.28
C LEU A 75 -9.24 -4.74 -16.60
N SER A 76 -9.86 -3.88 -17.41
CA SER A 76 -10.74 -2.82 -16.89
C SER A 76 -12.11 -3.12 -17.51
N ALA A 77 -13.14 -3.16 -16.68
CA ALA A 77 -14.48 -3.49 -17.13
C ALA A 77 -15.59 -2.64 -16.54
N THR A 78 -16.79 -2.81 -17.07
CA THR A 78 -17.97 -2.10 -16.60
C THR A 78 -18.59 -2.98 -15.52
N PRO A 79 -19.55 -2.44 -14.76
CA PRO A 79 -20.20 -3.23 -13.70
C PRO A 79 -21.01 -4.40 -14.28
N GLN A 80 -21.45 -4.27 -15.53
CA GLN A 80 -22.26 -5.29 -16.18
C GLN A 80 -21.51 -6.51 -16.71
N GLN A 81 -20.20 -6.43 -16.76
CA GLN A 81 -19.43 -7.55 -17.28
C GLN A 81 -19.04 -8.52 -16.17
N ALA A 82 -19.75 -9.64 -16.14
CA ALA A 82 -19.55 -10.67 -15.14
C ALA A 82 -18.25 -11.44 -15.40
N ILE A 83 -17.53 -11.69 -14.32
CA ILE A 83 -16.26 -12.41 -14.35
C ILE A 83 -16.27 -13.75 -15.09
N PRO A 84 -17.14 -14.70 -14.68
CA PRO A 84 -17.18 -15.98 -15.38
C PRO A 84 -17.36 -15.84 -16.88
N ASP A 85 -18.18 -14.88 -17.29
CA ASP A 85 -18.44 -14.63 -18.71
C ASP A 85 -17.19 -14.18 -19.47
N PHE A 86 -16.47 -13.18 -18.95
CA PHE A 86 -15.27 -12.74 -19.65
C PHE A 86 -14.08 -13.70 -19.54
N VAL A 87 -14.03 -14.48 -18.45
CA VAL A 87 -12.95 -15.46 -18.32
C VAL A 87 -13.20 -16.55 -19.38
N LYS A 88 -14.46 -16.95 -19.53
CA LYS A 88 -14.81 -17.99 -20.51
C LYS A 88 -14.55 -17.49 -21.94
N ALA A 89 -14.90 -16.24 -22.20
CA ALA A 89 -14.70 -15.65 -23.51
C ALA A 89 -13.20 -15.61 -23.87
N LEU A 90 -12.37 -15.18 -22.93
CA LEU A 90 -10.94 -15.09 -23.14
C LEU A 90 -10.22 -16.45 -23.27
N LYS A 91 -10.42 -17.34 -22.31
CA LYS A 91 -9.78 -18.66 -22.33
C LYS A 91 -10.36 -19.61 -23.39
N GLY A 92 -11.68 -19.75 -23.41
CA GLY A 92 -12.34 -20.62 -24.37
C GLY A 92 -12.07 -20.29 -25.83
N ALA A 93 -12.33 -19.04 -26.22
CA ALA A 93 -12.10 -18.63 -27.60
C ALA A 93 -10.62 -18.67 -27.98
N SER A 94 -9.73 -18.24 -27.09
CA SER A 94 -8.30 -18.24 -27.41
C SER A 94 -7.79 -19.68 -27.61
N ALA A 95 -8.28 -20.62 -26.81
CA ALA A 95 -7.88 -22.02 -26.92
C ALA A 95 -8.25 -22.52 -28.31
N ARG A 96 -9.47 -22.22 -28.72
CA ARG A 96 -9.98 -22.62 -30.03
C ARG A 96 -9.13 -22.03 -31.17
N ARG A 97 -8.99 -20.70 -31.17
CA ARG A 97 -8.22 -20.01 -32.19
C ARG A 97 -6.75 -20.39 -32.21
N MET A 98 -6.18 -20.62 -31.04
CA MET A 98 -4.77 -20.98 -30.92
C MET A 98 -4.46 -22.33 -31.54
N PHE A 99 -5.33 -23.31 -31.32
CA PHE A 99 -5.12 -24.64 -31.88
C PHE A 99 -5.21 -24.63 -33.40
N VAL A 100 -6.09 -23.80 -33.94
CA VAL A 100 -6.26 -23.70 -35.38
C VAL A 100 -5.05 -22.97 -35.98
N ALA A 101 -4.65 -21.88 -35.34
CA ALA A 101 -3.53 -21.08 -35.81
C ALA A 101 -2.17 -21.75 -35.63
N TYR A 102 -2.03 -22.55 -34.56
CA TYR A 102 -0.76 -23.24 -34.29
C TYR A 102 -1.01 -24.71 -33.99
N PRO A 103 -1.28 -25.52 -35.03
CA PRO A 103 -1.55 -26.96 -34.90
C PRO A 103 -0.43 -27.71 -34.17
N GLN A 104 0.76 -27.14 -34.22
CA GLN A 104 1.93 -27.72 -33.56
C GLN A 104 1.74 -27.88 -32.06
N LEU A 105 0.80 -27.13 -31.47
CA LEU A 105 0.54 -27.24 -30.04
C LEU A 105 0.05 -28.64 -29.68
N LYS A 106 -0.58 -29.30 -30.64
CA LYS A 106 -1.11 -30.64 -30.44
C LYS A 106 -0.01 -31.65 -30.08
N GLU A 107 1.25 -31.32 -30.37
CA GLU A 107 2.36 -32.20 -30.05
C GLU A 107 2.34 -32.53 -28.57
N LYS A 108 2.22 -31.49 -27.75
CA LYS A 108 2.20 -31.64 -26.31
C LYS A 108 0.82 -31.61 -25.68
N LEU A 109 -0.16 -31.11 -26.43
CA LEU A 109 -1.53 -30.98 -25.95
C LEU A 109 -2.50 -31.61 -26.94
N TRP A 110 -2.69 -32.91 -26.83
CA TRP A 110 -3.57 -33.66 -27.72
C TRP A 110 -4.92 -33.97 -27.08
N GLY A 111 -5.06 -33.66 -25.79
CA GLY A 111 -6.30 -33.94 -25.07
C GLY A 111 -7.46 -32.98 -25.26
N GLY A 112 -7.31 -32.02 -26.17
CA GLY A 112 -8.38 -31.06 -26.41
C GLY A 112 -8.45 -29.87 -25.46
N ASN A 113 -7.37 -29.63 -24.71
CA ASN A 113 -7.32 -28.51 -23.76
C ASN A 113 -6.00 -27.76 -23.91
N LEU A 114 -6.08 -26.44 -24.08
CA LEU A 114 -4.86 -25.65 -24.15
C LEU A 114 -4.62 -25.14 -22.73
N TRP A 115 -5.71 -24.90 -22.01
CA TRP A 115 -5.65 -24.33 -20.67
C TRP A 115 -6.01 -25.19 -19.48
N ASN A 116 -5.40 -24.83 -18.35
CA ASN A 116 -5.65 -25.42 -17.04
C ASN A 116 -7.11 -25.00 -16.83
N PRO A 117 -7.95 -25.90 -16.27
CA PRO A 117 -9.36 -25.57 -16.04
C PRO A 117 -9.66 -24.54 -14.95
N SER A 118 -8.63 -24.09 -14.25
CA SER A 118 -8.81 -23.11 -13.18
C SER A 118 -8.35 -21.72 -13.59
N TYR A 119 -8.82 -20.71 -12.86
CA TYR A 119 -8.39 -19.34 -13.10
C TYR A 119 -8.24 -18.63 -11.76
N CYS A 120 -7.34 -17.65 -11.72
CA CYS A 120 -7.10 -16.86 -10.52
C CYS A 120 -7.47 -15.43 -10.88
N ILE A 121 -8.21 -14.77 -10.01
CA ILE A 121 -8.63 -13.41 -10.28
C ILE A 121 -8.72 -12.58 -9.00
N LEU A 122 -8.19 -11.36 -9.05
CA LEU A 122 -8.22 -10.45 -7.92
C LEU A 122 -8.67 -9.06 -8.33
N THR A 123 -9.47 -8.43 -7.48
CA THR A 123 -9.91 -7.06 -7.75
C THR A 123 -8.69 -6.14 -7.55
N VAL A 124 -8.59 -5.10 -8.37
CA VAL A 124 -7.44 -4.19 -8.28
C VAL A 124 -7.81 -2.72 -8.11
N SER A 125 -7.12 -2.03 -7.20
CA SER A 125 -7.36 -0.61 -6.99
C SER A 125 -6.06 0.18 -7.15
N GLU A 126 -6.18 1.45 -7.49
CA GLU A 126 -5.01 2.32 -7.66
C GLU A 126 -4.30 2.52 -6.31
N ASN A 127 -5.10 2.61 -5.25
CA ASN A 127 -4.59 2.78 -3.89
C ASN A 127 -4.79 1.45 -3.19
N THR A 128 -4.23 1.32 -1.98
CA THR A 128 -4.33 0.08 -1.23
C THR A 128 -5.61 0.01 -0.41
N ARG A 129 -5.98 -1.20 -0.02
CA ARG A 129 -7.18 -1.39 0.80
C ARG A 129 -7.13 -0.58 2.09
N ALA A 130 -6.00 -0.62 2.78
CA ALA A 130 -5.83 0.12 4.03
C ALA A 130 -6.09 1.62 3.82
N GLN A 131 -5.58 2.15 2.71
CA GLN A 131 -5.76 3.56 2.41
C GLN A 131 -7.22 3.88 2.13
N ILE A 132 -7.89 2.99 1.41
CA ILE A 132 -9.30 3.13 1.08
C ILE A 132 -10.12 3.10 2.36
N GLN A 133 -9.82 2.14 3.24
CA GLN A 133 -10.54 2.04 4.51
C GLN A 133 -10.30 3.32 5.32
N LYS A 134 -9.06 3.79 5.31
CA LYS A 134 -8.70 5.01 6.03
C LYS A 134 -9.54 6.17 5.51
N TYR A 135 -9.70 6.22 4.19
CA TYR A 135 -10.50 7.26 3.56
C TYR A 135 -11.94 7.15 4.01
N ILE A 136 -12.47 5.94 4.02
CA ILE A 136 -13.86 5.74 4.41
C ILE A 136 -14.11 6.35 5.78
N GLU A 137 -13.14 6.22 6.68
CA GLU A 137 -13.27 6.81 8.02
C GLU A 137 -13.27 8.33 8.02
N SER A 138 -12.46 8.94 7.16
CA SER A 138 -12.42 10.39 7.10
C SER A 138 -13.74 10.94 6.53
N GLN A 139 -14.41 10.13 5.71
CA GLN A 139 -15.70 10.47 5.08
C GLN A 139 -15.55 11.50 3.96
N THR B 5 18.08 -11.02 -0.20
CA THR B 5 18.17 -12.02 -1.26
C THR B 5 16.78 -12.36 -1.79
N TYR B 6 15.95 -12.95 -0.93
CA TYR B 6 14.57 -13.32 -1.29
C TYR B 6 13.64 -13.07 -0.11
N VAL B 7 12.43 -12.63 -0.40
CA VAL B 7 11.44 -12.38 0.63
C VAL B 7 10.11 -13.02 0.22
N ILE B 8 9.47 -13.68 1.18
CA ILE B 8 8.20 -14.35 0.96
C ILE B 8 7.05 -13.53 1.54
N LEU B 9 6.33 -12.84 0.66
CA LEU B 9 5.22 -11.99 1.03
C LEU B 9 3.93 -12.79 1.04
N PRO B 10 3.07 -12.56 2.04
CA PRO B 10 1.79 -13.27 2.15
C PRO B 10 0.71 -12.58 1.31
N LEU B 11 -0.29 -13.36 0.89
CA LEU B 11 -1.38 -12.86 0.09
C LEU B 11 -2.58 -13.75 0.41
N GLU B 12 -3.57 -13.17 1.10
CA GLU B 12 -4.75 -13.91 1.50
C GLU B 12 -5.75 -14.04 0.35
N MET B 13 -6.23 -15.27 0.13
CA MET B 13 -7.16 -15.55 -0.96
C MET B 13 -8.17 -16.62 -0.58
N LYS B 14 -9.19 -16.79 -1.42
CA LYS B 14 -10.24 -17.76 -1.24
C LYS B 14 -10.09 -18.80 -2.34
N LYS B 15 -10.73 -19.95 -2.15
CA LYS B 15 -10.70 -21.02 -3.13
C LYS B 15 -12.11 -21.55 -3.36
N GLY B 16 -12.37 -21.95 -4.59
CA GLY B 16 -13.65 -22.50 -4.95
C GLY B 16 -13.36 -23.69 -5.84
N ARG B 17 -14.38 -24.30 -6.43
CA ARG B 17 -14.18 -25.46 -7.27
C ARG B 17 -13.11 -25.26 -8.36
N GLY B 18 -13.37 -24.35 -9.30
CA GLY B 18 -12.40 -24.13 -10.36
C GLY B 18 -11.81 -22.74 -10.37
N TYR B 19 -11.53 -22.18 -9.19
CA TYR B 19 -11.02 -20.82 -9.11
C TYR B 19 -10.45 -20.40 -7.76
N VAL B 20 -9.45 -19.54 -7.83
CA VAL B 20 -8.78 -18.97 -6.67
C VAL B 20 -9.06 -17.47 -6.85
N TYR B 21 -9.47 -16.78 -5.80
CA TYR B 21 -9.79 -15.36 -5.93
C TYR B 21 -9.71 -14.52 -4.65
N GLN B 22 -9.79 -13.21 -4.83
CA GLN B 22 -9.78 -12.24 -3.74
C GLN B 22 -10.47 -11.03 -4.38
N LEU B 23 -11.77 -10.94 -4.16
CA LEU B 23 -12.59 -9.90 -4.75
C LEU B 23 -13.26 -8.98 -3.74
N GLU B 24 -12.80 -7.73 -3.68
CA GLU B 24 -13.38 -6.76 -2.78
C GLU B 24 -13.83 -5.55 -3.57
N TYR B 25 -14.97 -4.99 -3.16
CA TYR B 25 -15.53 -3.84 -3.83
C TYR B 25 -15.89 -2.75 -2.85
N HIS B 26 -15.56 -1.51 -3.22
CA HIS B 26 -15.93 -0.35 -2.43
C HIS B 26 -17.18 0.16 -3.16
N LEU B 27 -18.32 0.04 -2.50
CA LEU B 27 -19.61 0.43 -3.04
C LEU B 27 -20.19 1.64 -2.29
N ILE B 28 -20.68 2.61 -3.05
CA ILE B 28 -21.22 3.82 -2.47
C ILE B 28 -22.51 4.23 -3.15
N TRP B 29 -23.46 4.74 -2.37
CA TRP B 29 -24.71 5.24 -2.93
C TRP B 29 -25.28 6.27 -1.98
N CYS B 30 -26.03 7.22 -2.53
CA CYS B 30 -26.61 8.28 -1.73
C CYS B 30 -28.11 8.16 -1.56
N VAL B 31 -28.62 8.94 -0.62
CA VAL B 31 -30.05 9.00 -0.38
C VAL B 31 -30.60 9.86 -1.53
N LYS B 32 -31.81 9.57 -1.97
CA LYS B 32 -32.46 10.34 -3.02
C LYS B 32 -32.54 11.82 -2.58
N TYR B 33 -32.27 12.72 -3.51
CA TYR B 33 -32.27 14.18 -3.27
C TYR B 33 -31.16 14.61 -2.30
N ARG B 34 -30.33 13.65 -1.92
CA ARG B 34 -29.24 13.86 -0.97
C ARG B 34 -29.71 14.38 0.39
N HIS B 35 -30.91 13.95 0.80
CA HIS B 35 -31.46 14.35 2.09
C HIS B 35 -30.66 13.66 3.18
N GLN B 36 -30.36 14.41 4.23
CA GLN B 36 -29.60 13.91 5.37
C GLN B 36 -30.55 13.28 6.38
N VAL B 37 -30.98 12.06 6.09
CA VAL B 37 -31.93 11.35 6.94
C VAL B 37 -31.36 10.13 7.66
N LEU B 38 -30.17 9.69 7.28
CA LEU B 38 -29.58 8.52 7.92
C LEU B 38 -28.84 8.92 9.21
N VAL B 39 -29.61 9.23 10.24
CA VAL B 39 -29.05 9.63 11.53
C VAL B 39 -29.71 8.88 12.68
N GLY B 40 -29.03 8.85 13.83
CA GLY B 40 -29.56 8.18 14.99
C GLY B 40 -29.94 6.73 14.76
N GLU B 41 -31.09 6.33 15.28
CA GLU B 41 -31.58 4.97 15.15
C GLU B 41 -31.86 4.57 13.70
N VAL B 42 -32.12 5.56 12.84
CA VAL B 42 -32.38 5.28 11.43
C VAL B 42 -31.11 4.68 10.84
N ALA B 43 -29.98 5.29 11.15
CA ALA B 43 -28.67 4.84 10.70
C ALA B 43 -28.34 3.46 11.25
N ASP B 44 -28.63 3.25 12.54
CA ASP B 44 -28.38 1.97 13.18
C ASP B 44 -29.23 0.87 12.56
N GLY B 45 -30.50 1.18 12.32
CA GLY B 45 -31.39 0.21 11.72
C GLY B 45 -30.92 -0.19 10.33
N LEU B 46 -30.43 0.80 9.58
CA LEU B 46 -29.94 0.56 8.22
C LEU B 46 -28.81 -0.46 8.25
N LYS B 47 -27.88 -0.27 9.18
CA LYS B 47 -26.74 -1.17 9.32
C LYS B 47 -27.19 -2.61 9.58
N ASP B 48 -28.21 -2.77 10.44
CA ASP B 48 -28.72 -4.11 10.75
C ASP B 48 -29.29 -4.73 9.50
N ILE B 49 -30.07 -3.93 8.77
CA ILE B 49 -30.72 -4.40 7.55
C ILE B 49 -29.68 -4.79 6.49
N LEU B 50 -28.69 -3.92 6.29
CA LEU B 50 -27.64 -4.18 5.30
C LEU B 50 -26.83 -5.44 5.61
N ARG B 51 -26.46 -5.63 6.87
CA ARG B 51 -25.71 -6.82 7.28
C ARG B 51 -26.57 -8.06 7.05
N ASP B 52 -27.86 -7.95 7.29
CA ASP B 52 -28.76 -9.07 7.12
C ASP B 52 -28.85 -9.47 5.64
N ILE B 53 -29.03 -8.48 4.75
CA ILE B 53 -29.12 -8.76 3.33
C ILE B 53 -27.80 -9.35 2.85
N ALA B 54 -26.69 -8.80 3.33
CA ALA B 54 -25.37 -9.28 2.98
C ALA B 54 -25.23 -10.75 3.36
N ALA B 55 -25.67 -11.08 4.57
CA ALA B 55 -25.62 -12.45 5.07
C ALA B 55 -26.48 -13.37 4.25
N GLN B 56 -27.69 -12.93 3.93
CA GLN B 56 -28.63 -13.72 3.13
C GLN B 56 -28.07 -14.02 1.74
N ASN B 57 -27.24 -13.11 1.22
CA ASN B 57 -26.68 -13.28 -0.12
C ASN B 57 -25.23 -13.76 -0.13
N GLY B 58 -24.71 -14.12 1.03
CA GLY B 58 -23.35 -14.60 1.11
C GLY B 58 -22.31 -13.56 0.71
N LEU B 59 -22.50 -12.32 1.16
CA LEU B 59 -21.58 -11.24 0.88
C LEU B 59 -20.92 -10.87 2.19
N GLU B 60 -19.59 -10.86 2.22
CA GLU B 60 -18.89 -10.52 3.44
C GLU B 60 -18.69 -9.01 3.53
N VAL B 61 -19.14 -8.43 4.63
CA VAL B 61 -18.98 -7.01 4.86
C VAL B 61 -17.64 -6.79 5.56
N ILE B 62 -16.74 -6.05 4.91
CA ILE B 62 -15.43 -5.76 5.49
C ILE B 62 -15.54 -4.46 6.28
N THR B 63 -16.15 -3.45 5.65
CA THR B 63 -16.33 -2.14 6.25
C THR B 63 -17.70 -1.62 5.86
N MET B 64 -18.28 -0.83 6.75
CA MET B 64 -19.58 -0.21 6.54
C MET B 64 -19.68 1.06 7.36
N GLU B 65 -19.90 2.17 6.67
CA GLU B 65 -20.06 3.45 7.34
C GLU B 65 -21.29 4.11 6.74
N VAL B 66 -22.19 4.55 7.62
CA VAL B 66 -23.40 5.22 7.19
C VAL B 66 -23.32 6.69 7.55
N MET B 67 -23.35 7.54 6.54
CA MET B 67 -23.33 8.98 6.77
C MET B 67 -24.78 9.44 6.60
N PRO B 68 -25.11 10.65 7.08
CA PRO B 68 -26.47 11.16 6.97
C PRO B 68 -27.08 11.11 5.57
N ASP B 69 -26.29 11.36 4.53
CA ASP B 69 -26.81 11.33 3.17
C ASP B 69 -26.25 10.28 2.20
N HIS B 70 -25.40 9.37 2.69
CA HIS B 70 -24.83 8.32 1.83
C HIS B 70 -24.23 7.14 2.62
N VAL B 71 -23.91 6.07 1.89
CA VAL B 71 -23.38 4.86 2.49
C VAL B 71 -22.10 4.36 1.81
N HIS B 72 -21.18 3.87 2.62
CA HIS B 72 -19.92 3.33 2.13
C HIS B 72 -19.86 1.87 2.58
N LEU B 73 -19.63 0.97 1.65
CA LEU B 73 -19.49 -0.45 1.97
C LEU B 73 -18.25 -1.00 1.28
N LEU B 74 -17.57 -1.90 1.97
CA LEU B 74 -16.41 -2.59 1.41
C LEU B 74 -16.87 -4.04 1.56
N LEU B 75 -17.12 -4.70 0.44
CA LEU B 75 -17.62 -6.08 0.43
C LEU B 75 -16.66 -7.02 -0.23
N SER B 76 -16.76 -8.29 0.17
CA SER B 76 -15.95 -9.36 -0.39
C SER B 76 -16.96 -10.30 -1.04
N ALA B 77 -16.64 -10.81 -2.23
CA ALA B 77 -17.56 -11.69 -2.94
C ALA B 77 -16.83 -12.75 -3.75
N THR B 78 -17.62 -13.65 -4.33
CA THR B 78 -17.11 -14.74 -5.14
C THR B 78 -17.18 -14.29 -6.61
N PRO B 79 -16.47 -14.99 -7.50
CA PRO B 79 -16.46 -14.64 -8.92
C PRO B 79 -17.85 -14.70 -9.53
N GLN B 80 -18.70 -15.52 -8.95
CA GLN B 80 -20.05 -15.71 -9.47
C GLN B 80 -21.06 -14.65 -9.07
N GLN B 81 -20.72 -13.83 -8.08
CA GLN B 81 -21.63 -12.79 -7.63
C GLN B 81 -21.49 -11.50 -8.45
N ALA B 82 -22.38 -11.34 -9.42
CA ALA B 82 -22.38 -10.19 -10.30
C ALA B 82 -22.74 -8.90 -9.57
N ILE B 83 -22.02 -7.84 -9.92
CA ILE B 83 -22.22 -6.53 -9.32
C ILE B 83 -23.65 -5.97 -9.32
N PRO B 84 -24.30 -5.90 -10.50
CA PRO B 84 -25.65 -5.37 -10.53
C PRO B 84 -26.62 -6.14 -9.63
N ASP B 85 -26.43 -7.46 -9.55
CA ASP B 85 -27.28 -8.30 -8.72
C ASP B 85 -27.14 -7.97 -7.24
N PHE B 86 -25.91 -7.86 -6.74
CA PHE B 86 -25.79 -7.55 -5.32
C PHE B 86 -26.08 -6.10 -4.94
N VAL B 87 -25.94 -5.18 -5.90
CA VAL B 87 -26.25 -3.77 -5.65
C VAL B 87 -27.78 -3.66 -5.56
N LYS B 88 -28.49 -4.36 -6.44
CA LYS B 88 -29.94 -4.35 -6.43
C LYS B 88 -30.44 -4.91 -5.09
N ALA B 89 -29.86 -6.05 -4.70
CA ALA B 89 -30.20 -6.72 -3.45
C ALA B 89 -30.00 -5.81 -2.24
N LEU B 90 -28.87 -5.10 -2.21
CA LEU B 90 -28.59 -4.22 -1.08
C LEU B 90 -29.45 -2.95 -1.03
N LYS B 91 -29.58 -2.26 -2.17
CA LYS B 91 -30.34 -1.01 -2.22
C LYS B 91 -31.86 -1.21 -2.28
N GLY B 92 -32.31 -2.11 -3.14
CA GLY B 92 -33.74 -2.36 -3.29
C GLY B 92 -34.38 -2.85 -2.00
N ALA B 93 -33.83 -3.92 -1.44
CA ALA B 93 -34.34 -4.50 -0.21
C ALA B 93 -34.21 -3.55 0.97
N SER B 94 -33.08 -2.84 1.08
CA SER B 94 -32.91 -1.93 2.20
C SER B 94 -33.91 -0.76 2.14
N ALA B 95 -34.25 -0.32 0.93
CA ALA B 95 -35.21 0.76 0.74
C ALA B 95 -36.57 0.32 1.26
N ARG B 96 -37.00 -0.86 0.80
CA ARG B 96 -38.27 -1.43 1.20
C ARG B 96 -38.35 -1.52 2.73
N ARG B 97 -37.43 -2.28 3.31
CA ARG B 97 -37.39 -2.50 4.74
C ARG B 97 -37.29 -1.22 5.57
N MET B 98 -36.45 -0.29 5.13
CA MET B 98 -36.30 0.96 5.86
C MET B 98 -37.59 1.76 5.94
N PHE B 99 -38.34 1.82 4.83
CA PHE B 99 -39.60 2.56 4.83
C PHE B 99 -40.62 1.95 5.81
N VAL B 100 -40.66 0.62 5.86
CA VAL B 100 -41.58 -0.07 6.76
C VAL B 100 -41.18 0.14 8.20
N ALA B 101 -39.90 -0.03 8.49
CA ALA B 101 -39.38 0.13 9.83
C ALA B 101 -39.31 1.58 10.30
N TYR B 102 -39.15 2.52 9.37
CA TYR B 102 -39.07 3.94 9.73
C TYR B 102 -39.97 4.81 8.86
N PRO B 103 -41.30 4.66 9.00
CA PRO B 103 -42.25 5.45 8.19
C PRO B 103 -41.99 6.97 8.21
N GLN B 104 -41.31 7.45 9.24
CA GLN B 104 -41.00 8.89 9.33
C GLN B 104 -40.17 9.39 8.14
N LEU B 105 -39.52 8.46 7.44
CA LEU B 105 -38.70 8.79 6.26
C LEU B 105 -39.54 9.39 5.15
N LYS B 106 -40.85 9.10 5.15
CA LYS B 106 -41.74 9.63 4.14
C LYS B 106 -41.91 11.13 4.18
N GLU B 107 -41.48 11.77 5.26
CA GLU B 107 -41.58 13.22 5.39
C GLU B 107 -40.88 13.93 4.25
N LYS B 108 -39.65 13.51 3.98
CA LYS B 108 -38.87 14.11 2.92
C LYS B 108 -38.77 13.20 1.68
N LEU B 109 -39.15 11.93 1.82
CA LEU B 109 -39.08 10.99 0.70
C LEU B 109 -40.45 10.34 0.49
N TRP B 110 -41.32 11.05 -0.19
CA TRP B 110 -42.68 10.59 -0.43
C TRP B 110 -42.86 10.02 -1.84
N GLY B 111 -41.86 10.23 -2.70
CA GLY B 111 -41.92 9.76 -4.07
C GLY B 111 -41.68 8.28 -4.30
N GLY B 112 -41.55 7.49 -3.25
CA GLY B 112 -41.34 6.06 -3.41
C GLY B 112 -39.89 5.62 -3.56
N ASN B 113 -38.96 6.53 -3.26
CA ASN B 113 -37.54 6.22 -3.37
C ASN B 113 -36.76 6.63 -2.14
N LEU B 114 -35.96 5.71 -1.62
CA LEU B 114 -35.10 6.05 -0.49
C LEU B 114 -33.73 6.42 -1.07
N TRP B 115 -33.34 5.70 -2.13
CA TRP B 115 -32.03 5.88 -2.75
C TRP B 115 -31.94 6.59 -4.08
N ASN B 116 -30.79 7.21 -4.29
CA ASN B 116 -30.44 7.88 -5.54
C ASN B 116 -30.34 6.66 -6.52
N PRO B 117 -30.86 6.77 -7.75
CA PRO B 117 -30.80 5.66 -8.72
C PRO B 117 -29.41 5.24 -9.24
N SER B 118 -28.35 5.89 -8.77
CA SER B 118 -27.00 5.55 -9.23
C SER B 118 -26.21 4.96 -8.10
N TYR B 119 -25.16 4.24 -8.46
CA TYR B 119 -24.26 3.67 -7.48
C TYR B 119 -22.85 3.91 -7.98
N CYS B 120 -21.92 3.95 -7.04
CA CYS B 120 -20.52 4.13 -7.35
C CYS B 120 -19.81 2.89 -6.85
N ILE B 121 -18.96 2.31 -7.68
CA ILE B 121 -18.25 1.11 -7.28
C ILE B 121 -16.82 1.03 -7.81
N LEU B 122 -15.89 0.64 -6.94
CA LEU B 122 -14.50 0.49 -7.31
C LEU B 122 -13.96 -0.85 -6.82
N THR B 123 -13.14 -1.48 -7.64
CA THR B 123 -12.51 -2.74 -7.24
C THR B 123 -11.42 -2.37 -6.24
N VAL B 124 -11.12 -3.28 -5.32
CA VAL B 124 -10.12 -3.03 -4.28
C VAL B 124 -9.14 -4.18 -4.07
N SER B 125 -7.87 -3.84 -3.93
CA SER B 125 -6.80 -4.82 -3.70
C SER B 125 -5.96 -4.40 -2.50
N GLU B 126 -5.26 -5.36 -1.90
CA GLU B 126 -4.38 -5.09 -0.76
C GLU B 126 -3.14 -4.30 -1.19
N ASN B 127 -2.70 -4.52 -2.42
CA ASN B 127 -1.54 -3.82 -2.97
C ASN B 127 -2.02 -2.86 -4.06
N THR B 128 -1.28 -1.80 -4.32
CA THR B 128 -1.69 -0.84 -5.35
C THR B 128 -1.55 -1.48 -6.72
N ARG B 129 -2.16 -0.87 -7.72
CA ARG B 129 -2.06 -1.38 -9.09
C ARG B 129 -0.60 -1.38 -9.53
N ALA B 130 0.13 -0.33 -9.15
CA ALA B 130 1.54 -0.20 -9.50
C ALA B 130 2.35 -1.37 -8.95
N GLN B 131 2.09 -1.73 -7.70
CA GLN B 131 2.78 -2.86 -7.05
C GLN B 131 2.48 -4.15 -7.79
N ILE B 132 1.22 -4.33 -8.17
CA ILE B 132 0.80 -5.52 -8.89
C ILE B 132 1.51 -5.60 -10.23
N GLN B 133 1.60 -4.47 -10.93
CA GLN B 133 2.28 -4.47 -12.22
C GLN B 133 3.76 -4.81 -12.03
N LYS B 134 4.37 -4.30 -10.97
CA LYS B 134 5.78 -4.62 -10.71
C LYS B 134 5.94 -6.12 -10.50
N TYR B 135 5.06 -6.71 -9.70
CA TYR B 135 5.10 -8.15 -9.46
C TYR B 135 4.93 -8.91 -10.77
N ILE B 136 4.02 -8.43 -11.63
CA ILE B 136 3.79 -9.08 -12.92
C ILE B 136 5.08 -9.12 -13.75
N GLU B 137 5.83 -8.01 -13.78
CA GLU B 137 7.08 -7.98 -14.53
C GLU B 137 8.10 -8.98 -13.99
N SER B 138 8.12 -9.18 -12.68
CA SER B 138 9.07 -10.13 -12.08
C SER B 138 8.60 -11.58 -12.33
N GLN B 139 7.32 -11.72 -12.69
CA GLN B 139 6.65 -13.00 -12.95
C GLN B 139 6.78 -14.03 -11.83
N GLY E 1 -13.36 -20.01 0.65
CA GLY E 1 -12.60 -20.74 1.65
C GLY E 1 -11.23 -20.12 1.88
N SER E 2 -11.01 -19.62 3.09
CA SER E 2 -9.74 -18.98 3.48
C SER E 2 -8.53 -19.74 2.96
N HIS E 3 -7.61 -19.01 2.36
CA HIS E 3 -6.42 -19.63 1.78
C HIS E 3 -5.24 -18.65 1.73
N MET E 4 -4.19 -18.96 2.48
CA MET E 4 -3.01 -18.11 2.50
C MET E 4 -2.10 -18.52 1.33
N THR E 5 -1.69 -17.54 0.55
CA THR E 5 -0.82 -17.80 -0.58
C THR E 5 0.43 -16.98 -0.34
N TYR E 6 1.51 -17.34 -1.00
CA TYR E 6 2.76 -16.63 -0.83
C TYR E 6 3.34 -16.19 -2.17
N VAL E 7 4.15 -15.14 -2.11
CA VAL E 7 4.78 -14.58 -3.29
C VAL E 7 6.25 -14.38 -2.98
N ILE E 8 7.09 -14.77 -3.93
CA ILE E 8 8.53 -14.64 -3.77
C ILE E 8 8.96 -13.38 -4.51
N LEU E 9 9.86 -12.62 -3.90
CA LEU E 9 10.37 -11.40 -4.51
C LEU E 9 11.85 -11.22 -4.15
N PRO E 10 12.63 -10.67 -5.09
CA PRO E 10 14.06 -10.44 -4.87
C PRO E 10 14.24 -9.36 -3.81
N LEU E 11 15.09 -9.63 -2.83
CA LEU E 11 15.34 -8.67 -1.76
C LEU E 11 16.70 -7.99 -1.94
N GLU E 12 16.66 -6.74 -2.40
CA GLU E 12 17.87 -5.95 -2.64
C GLU E 12 18.00 -4.84 -1.59
N MET E 13 18.58 -5.18 -0.44
CA MET E 13 18.80 -4.23 0.64
C MET E 13 20.28 -3.93 0.77
N LYS E 14 20.62 -2.86 1.47
CA LYS E 14 22.02 -2.48 1.67
C LYS E 14 22.61 -3.24 2.86
N LYS E 15 23.91 -3.52 2.79
CA LYS E 15 24.59 -4.24 3.87
C LYS E 15 25.79 -3.47 4.38
N GLY E 16 26.07 -3.64 5.65
CA GLY E 16 27.20 -2.96 6.28
C GLY E 16 27.82 -3.97 7.23
N ARG E 17 28.83 -3.54 7.98
CA ARG E 17 29.52 -4.42 8.92
C ARG E 17 28.58 -5.29 9.79
N GLY E 18 27.79 -4.67 10.64
CA GLY E 18 26.88 -5.43 11.49
C GLY E 18 25.43 -5.00 11.33
N TYR E 19 25.02 -4.75 10.08
CA TYR E 19 23.66 -4.31 9.82
C TYR E 19 23.22 -4.38 8.36
N VAL E 20 21.96 -4.72 8.15
CA VAL E 20 21.37 -4.77 6.82
C VAL E 20 20.27 -3.71 6.92
N TYR E 21 20.15 -2.88 5.91
CA TYR E 21 19.17 -1.80 5.97
C TYR E 21 18.65 -1.33 4.63
N GLN E 22 17.63 -0.48 4.70
CA GLN E 22 16.98 0.15 3.55
C GLN E 22 16.32 1.37 4.19
N LEU E 23 17.04 2.48 4.18
CA LEU E 23 16.58 3.70 4.83
C LEU E 23 16.42 4.88 3.89
N GLU E 24 15.18 5.27 3.64
CA GLU E 24 14.89 6.41 2.78
C GLU E 24 14.04 7.43 3.51
N TYR E 25 14.29 8.70 3.21
CA TYR E 25 13.57 9.79 3.85
C TYR E 25 13.12 10.83 2.87
N HIS E 26 11.90 11.32 3.08
CA HIS E 26 11.33 12.38 2.26
C HIS E 26 11.59 13.64 3.08
N LEU E 27 12.51 14.48 2.60
CA LEU E 27 12.86 15.70 3.31
C LEU E 27 12.35 16.90 2.53
N ILE E 28 11.72 17.83 3.25
CA ILE E 28 11.16 19.04 2.66
C ILE E 28 11.52 20.28 3.47
N TRP E 29 11.83 21.38 2.80
CA TRP E 29 12.13 22.63 3.47
C TRP E 29 11.83 23.80 2.53
N CYS E 30 11.50 24.95 3.11
CA CYS E 30 11.15 26.12 2.30
C CYS E 30 12.20 27.23 2.35
N VAL E 31 11.98 28.23 1.48
CA VAL E 31 12.83 29.41 1.43
C VAL E 31 12.31 30.32 2.55
N LYS E 32 13.20 31.08 3.16
CA LYS E 32 12.83 32.01 4.23
C LYS E 32 11.80 32.99 3.67
N TYR E 33 10.74 33.25 4.43
CA TYR E 33 9.64 34.16 4.04
C TYR E 33 8.88 33.61 2.82
N ARG E 34 9.17 32.35 2.48
CA ARG E 34 8.58 31.66 1.34
C ARG E 34 8.73 32.43 0.04
N HIS E 35 9.86 33.13 -0.08
CA HIS E 35 10.17 33.90 -1.27
C HIS E 35 10.37 32.94 -2.44
N GLN E 36 9.70 33.21 -3.55
CA GLN E 36 9.81 32.35 -4.71
C GLN E 36 11.05 32.75 -5.52
N VAL E 37 12.22 32.39 -5.01
CA VAL E 37 13.48 32.73 -5.68
C VAL E 37 14.18 31.59 -6.40
N LEU E 38 13.81 30.35 -6.07
CA LEU E 38 14.44 29.18 -6.68
C LEU E 38 13.91 28.94 -8.10
N VAL E 39 14.34 29.79 -9.03
CA VAL E 39 13.93 29.69 -10.42
C VAL E 39 15.10 29.86 -11.38
N GLY E 40 14.93 29.35 -12.59
CA GLY E 40 15.96 29.44 -13.62
C GLY E 40 17.30 28.84 -13.22
N GLU E 41 18.37 29.57 -13.52
CA GLU E 41 19.73 29.15 -13.21
C GLU E 41 19.96 28.97 -11.71
N VAL E 42 19.17 29.69 -10.90
CA VAL E 42 19.28 29.61 -9.45
C VAL E 42 18.88 28.19 -9.01
N ALA E 43 17.79 27.70 -9.58
CA ALA E 43 17.30 26.36 -9.26
C ALA E 43 18.33 25.33 -9.69
N ASP E 44 18.86 25.49 -10.90
CA ASP E 44 19.87 24.57 -11.44
C ASP E 44 21.11 24.53 -10.57
N GLY E 45 21.58 25.71 -10.17
CA GLY E 45 22.76 25.81 -9.32
C GLY E 45 22.55 25.13 -8.00
N LEU E 46 21.36 25.28 -7.42
CA LEU E 46 21.02 24.66 -6.15
C LEU E 46 21.10 23.14 -6.27
N LYS E 47 20.57 22.58 -7.35
CA LYS E 47 20.61 21.13 -7.56
C LYS E 47 22.06 20.63 -7.56
N ASP E 48 22.93 21.36 -8.27
CA ASP E 48 24.33 20.98 -8.36
C ASP E 48 24.95 20.99 -6.96
N ILE E 49 24.67 22.05 -6.21
CA ILE E 49 25.19 22.19 -4.85
C ILE E 49 24.70 21.04 -3.97
N LEU E 50 23.38 20.80 -3.98
CA LEU E 50 22.80 19.73 -3.17
C LEU E 50 23.41 18.37 -3.49
N ARG E 51 23.47 18.02 -4.77
CA ARG E 51 24.05 16.74 -5.19
C ARG E 51 25.51 16.62 -4.73
N ASP E 52 26.23 17.73 -4.73
CA ASP E 52 27.63 17.73 -4.30
C ASP E 52 27.71 17.46 -2.81
N ILE E 53 26.89 18.17 -2.03
CA ILE E 53 26.86 17.99 -0.58
C ILE E 53 26.50 16.54 -0.26
N ALA E 54 25.48 16.04 -0.95
CA ALA E 54 25.03 14.67 -0.76
C ALA E 54 26.21 13.71 -1.00
N ALA E 55 26.90 13.89 -2.12
CA ALA E 55 28.04 13.04 -2.46
C ALA E 55 29.13 13.11 -1.39
N GLN E 56 29.43 14.32 -0.93
CA GLN E 56 30.47 14.53 0.09
C GLN E 56 30.11 13.83 1.39
N ASN E 57 28.82 13.72 1.69
CA ASN E 57 28.37 13.08 2.92
C ASN E 57 27.90 11.64 2.73
N GLY E 58 28.08 11.10 1.53
CA GLY E 58 27.67 9.73 1.27
C GLY E 58 26.18 9.50 1.33
N LEU E 59 25.41 10.49 0.90
CA LEU E 59 23.95 10.40 0.89
C LEU E 59 23.52 10.19 -0.55
N GLU E 60 22.70 9.17 -0.79
CA GLU E 60 22.22 8.90 -2.13
C GLU E 60 20.95 9.69 -2.38
N VAL E 61 20.91 10.44 -3.48
CA VAL E 61 19.73 11.21 -3.83
C VAL E 61 18.87 10.37 -4.76
N ILE E 62 17.66 10.04 -4.31
CA ILE E 62 16.73 9.23 -5.10
C ILE E 62 15.90 10.16 -5.97
N THR E 63 15.39 11.21 -5.35
CA THR E 63 14.54 12.17 -6.02
C THR E 63 14.86 13.57 -5.51
N MET E 64 14.89 14.54 -6.43
CA MET E 64 15.15 15.92 -6.07
C MET E 64 14.28 16.82 -6.94
N GLU E 65 13.44 17.61 -6.28
CA GLU E 65 12.57 18.52 -6.99
C GLU E 65 12.70 19.90 -6.35
N VAL E 66 13.04 20.90 -7.15
CA VAL E 66 13.20 22.25 -6.64
C VAL E 66 12.06 23.14 -7.14
N MET E 67 11.24 23.60 -6.20
CA MET E 67 10.14 24.49 -6.54
C MET E 67 10.61 25.91 -6.22
N PRO E 68 9.99 26.93 -6.81
CA PRO E 68 10.40 28.31 -6.56
C PRO E 68 10.54 28.72 -5.09
N ASP E 69 9.73 28.11 -4.21
CA ASP E 69 9.77 28.43 -2.79
C ASP E 69 10.10 27.29 -1.80
N HIS E 70 10.40 26.09 -2.31
CA HIS E 70 10.73 24.96 -1.43
C HIS E 70 11.36 23.80 -2.20
N VAL E 71 12.00 22.91 -1.45
CA VAL E 71 12.68 21.75 -2.03
C VAL E 71 12.13 20.43 -1.47
N HIS E 72 12.12 19.42 -2.33
CA HIS E 72 11.67 18.07 -2.01
C HIS E 72 12.81 17.11 -2.34
N LEU E 73 13.31 16.38 -1.35
CA LEU E 73 14.36 15.40 -1.58
C LEU E 73 13.91 14.06 -1.01
N LEU E 74 14.38 12.99 -1.63
CA LEU E 74 14.10 11.64 -1.17
C LEU E 74 15.52 11.07 -1.14
N LEU E 75 16.05 10.90 0.07
CA LEU E 75 17.41 10.43 0.30
C LEU E 75 17.47 9.03 0.85
N SER E 76 18.58 8.35 0.57
CA SER E 76 18.83 7.01 1.07
C SER E 76 20.08 7.19 1.93
N ALA E 77 20.04 6.66 3.15
CA ALA E 77 21.16 6.79 4.06
C ALA E 77 21.48 5.51 4.84
N THR E 78 22.59 5.54 5.57
CA THR E 78 23.04 4.42 6.38
C THR E 78 22.46 4.63 7.78
N PRO E 79 22.46 3.57 8.62
CA PRO E 79 21.93 3.70 9.98
C PRO E 79 22.70 4.72 10.81
N GLN E 80 23.96 4.95 10.45
CA GLN E 80 24.82 5.87 11.19
C GLN E 80 24.64 7.34 10.84
N GLN E 81 23.90 7.64 9.78
CA GLN E 81 23.70 9.03 9.39
C GLN E 81 22.46 9.63 10.05
N ALA E 82 22.67 10.29 11.19
CA ALA E 82 21.58 10.91 11.94
C ALA E 82 20.92 12.06 11.16
N ILE E 83 19.60 12.11 11.26
CA ILE E 83 18.80 13.12 10.56
C ILE E 83 19.22 14.59 10.71
N PRO E 84 19.34 15.08 11.96
CA PRO E 84 19.74 16.48 12.16
C PRO E 84 21.07 16.84 11.48
N ASP E 85 22.01 15.89 11.47
CA ASP E 85 23.31 16.10 10.85
C ASP E 85 23.18 16.33 9.35
N PHE E 86 22.52 15.41 8.65
CA PHE E 86 22.39 15.58 7.21
C PHE E 86 21.46 16.70 6.77
N VAL E 87 20.54 17.11 7.64
CA VAL E 87 19.67 18.22 7.30
C VAL E 87 20.49 19.50 7.41
N LYS E 88 21.28 19.59 8.47
CA LYS E 88 22.15 20.74 8.70
C LYS E 88 23.13 20.86 7.53
N ALA E 89 23.74 19.73 7.18
CA ALA E 89 24.71 19.67 6.10
C ALA E 89 24.12 20.19 4.78
N LEU E 90 22.94 19.67 4.44
CA LEU E 90 22.26 20.04 3.21
C LEU E 90 21.81 21.48 3.16
N LYS E 91 21.05 21.91 4.17
CA LYS E 91 20.55 23.27 4.24
C LYS E 91 21.63 24.31 4.53
N GLY E 92 22.41 24.10 5.60
CA GLY E 92 23.47 25.03 5.97
C GLY E 92 24.51 25.31 4.88
N ALA E 93 25.11 24.25 4.36
CA ALA E 93 26.13 24.41 3.32
C ALA E 93 25.55 24.99 2.03
N SER E 94 24.34 24.56 1.65
CA SER E 94 23.71 25.07 0.44
C SER E 94 23.39 26.57 0.56
N ALA E 95 22.98 27.01 1.74
CA ALA E 95 22.67 28.43 1.96
C ALA E 95 23.94 29.27 1.74
N ARG E 96 25.03 28.83 2.37
CA ARG E 96 26.33 29.47 2.26
C ARG E 96 26.72 29.58 0.78
N ARG E 97 26.89 28.42 0.14
CA ARG E 97 27.28 28.34 -1.27
C ARG E 97 26.36 29.11 -2.22
N MET E 98 25.06 29.06 -1.97
CA MET E 98 24.10 29.74 -2.82
C MET E 98 24.26 31.27 -2.81
N PHE E 99 24.44 31.85 -1.62
CA PHE E 99 24.62 33.29 -1.48
C PHE E 99 25.90 33.75 -2.17
N VAL E 100 26.94 32.93 -2.09
CA VAL E 100 28.21 33.23 -2.74
C VAL E 100 28.03 33.20 -4.25
N ALA E 101 27.48 32.09 -4.76
CA ALA E 101 27.25 31.91 -6.19
C ALA E 101 26.18 32.85 -6.77
N TYR E 102 25.20 33.20 -5.96
CA TYR E 102 24.13 34.07 -6.42
C TYR E 102 23.84 35.20 -5.43
N PRO E 103 24.74 36.19 -5.35
CA PRO E 103 24.60 37.33 -4.45
C PRO E 103 23.29 38.09 -4.66
N GLN E 104 22.73 38.00 -5.86
CA GLN E 104 21.46 38.65 -6.19
C GLN E 104 20.32 38.20 -5.27
N LEU E 105 20.55 37.09 -4.55
CA LEU E 105 19.54 36.56 -3.63
C LEU E 105 19.35 37.54 -2.48
N LYS E 106 20.40 38.27 -2.16
CA LYS E 106 20.38 39.24 -1.07
C LYS E 106 19.39 40.37 -1.28
N GLU E 107 18.82 40.46 -2.48
CA GLU E 107 17.86 41.51 -2.78
C GLU E 107 16.55 41.25 -2.05
N LYS E 108 16.21 39.98 -1.89
CA LYS E 108 14.99 39.59 -1.20
C LYS E 108 15.31 38.95 0.15
N LEU E 109 16.54 38.47 0.29
CA LEU E 109 16.98 37.81 1.51
C LEU E 109 18.27 38.44 2.00
N TRP E 110 18.13 39.50 2.77
CA TRP E 110 19.27 40.24 3.31
C TRP E 110 19.51 39.98 4.80
N GLY E 111 18.60 39.22 5.42
CA GLY E 111 18.71 38.92 6.83
C GLY E 111 19.73 37.86 7.19
N GLY E 112 20.41 37.30 6.20
CA GLY E 112 21.39 36.26 6.46
C GLY E 112 20.87 34.84 6.43
N ASN E 113 19.64 34.66 5.96
CA ASN E 113 19.04 33.32 5.88
C ASN E 113 18.42 33.07 4.52
N LEU E 114 18.75 31.92 3.94
CA LEU E 114 18.17 31.53 2.66
C LEU E 114 16.98 30.63 2.97
N TRP E 115 17.12 29.77 3.98
CA TRP E 115 16.07 28.81 4.33
C TRP E 115 15.25 29.12 5.58
N ASN E 116 14.04 28.57 5.55
CA ASN E 116 13.08 28.65 6.67
C ASN E 116 13.81 27.80 7.73
N PRO E 117 13.77 28.21 9.01
CA PRO E 117 14.45 27.46 10.07
C PRO E 117 13.86 26.07 10.39
N SER E 118 12.75 25.72 9.74
CA SER E 118 12.12 24.42 9.97
C SER E 118 12.28 23.45 8.80
N TYR E 119 12.21 22.16 9.09
CA TYR E 119 12.30 21.13 8.06
C TYR E 119 11.21 20.10 8.34
N CYS E 120 10.81 19.39 7.29
CA CYS E 120 9.78 18.36 7.38
C CYS E 120 10.38 17.06 6.87
N ILE E 121 10.27 16.00 7.66
CA ILE E 121 10.85 14.73 7.25
C ILE E 121 9.99 13.50 7.59
N LEU E 122 9.88 12.59 6.63
CA LEU E 122 9.12 11.36 6.79
C LEU E 122 9.94 10.17 6.31
N THR E 123 9.78 9.04 7.01
CA THR E 123 10.44 7.80 6.65
C THR E 123 9.67 7.22 5.46
N VAL E 124 10.38 6.56 4.56
CA VAL E 124 9.78 6.02 3.36
C VAL E 124 10.14 4.56 3.14
N SER E 125 9.13 3.75 2.86
CA SER E 125 9.31 2.33 2.57
C SER E 125 8.79 2.06 1.15
N GLU E 126 9.26 0.97 0.56
CA GLU E 126 8.84 0.57 -0.79
C GLU E 126 7.37 0.16 -0.76
N ASN E 127 7.00 -0.61 0.24
CA ASN E 127 5.63 -1.05 0.41
C ASN E 127 5.04 -0.21 1.57
N THR E 128 3.94 -0.63 2.18
CA THR E 128 3.35 0.17 3.24
C THR E 128 3.43 -0.45 4.62
N ARG E 129 3.20 0.39 5.63
CA ARG E 129 3.22 -0.04 7.01
C ARG E 129 2.26 -1.22 7.23
N ALA E 130 1.05 -1.08 6.71
CA ALA E 130 0.04 -2.13 6.82
C ALA E 130 0.53 -3.43 6.17
N GLN E 131 1.13 -3.33 5.00
CA GLN E 131 1.66 -4.48 4.28
C GLN E 131 2.80 -5.13 5.06
N ILE E 132 3.66 -4.29 5.64
CA ILE E 132 4.79 -4.76 6.44
C ILE E 132 4.24 -5.48 7.67
N GLN E 133 3.17 -4.94 8.26
CA GLN E 133 2.58 -5.57 9.43
C GLN E 133 2.04 -6.96 9.15
N LYS E 134 1.51 -7.17 7.93
CA LYS E 134 0.99 -8.47 7.55
C LYS E 134 2.14 -9.44 7.33
N TYR E 135 3.22 -8.94 6.77
CA TYR E 135 4.41 -9.75 6.53
C TYR E 135 4.92 -10.26 7.87
N ILE E 136 4.99 -9.35 8.85
CA ILE E 136 5.45 -9.71 10.17
C ILE E 136 4.57 -10.80 10.78
N GLU E 137 3.25 -10.62 10.72
CA GLU E 137 2.32 -11.61 11.24
C GLU E 137 2.47 -12.97 10.57
N SER E 138 2.76 -12.96 9.27
CA SER E 138 2.92 -14.19 8.51
C SER E 138 4.19 -14.94 8.87
N GLN E 139 5.06 -14.31 9.62
CA GLN E 139 6.32 -14.94 10.01
C GLN E 139 6.16 -15.99 11.10
N HIS E 140 5.05 -15.92 11.84
CA HIS E 140 4.77 -16.90 12.89
C HIS E 140 4.32 -18.18 12.22
N ASP E 141 4.71 -19.33 12.79
CA ASP E 141 4.29 -20.62 12.24
C ASP E 141 4.85 -20.77 10.82
N GLY F 1 -13.79 8.15 -21.90
CA GLY F 1 -14.75 7.57 -20.98
C GLY F 1 -14.46 7.94 -19.53
N SER F 2 -13.18 8.11 -19.20
CA SER F 2 -12.76 8.46 -17.85
C SER F 2 -12.88 9.94 -17.53
N HIS F 3 -12.99 10.22 -16.23
CA HIS F 3 -13.11 11.57 -15.69
C HIS F 3 -12.24 11.57 -14.43
N MET F 4 -11.43 12.60 -14.26
CA MET F 4 -10.52 12.68 -13.13
C MET F 4 -11.13 13.24 -11.84
N THR F 5 -11.38 12.36 -10.88
CA THR F 5 -11.93 12.72 -9.58
C THR F 5 -10.73 12.93 -8.66
N TYR F 6 -10.91 13.67 -7.57
CA TYR F 6 -9.83 13.89 -6.63
C TYR F 6 -10.34 13.78 -5.19
N VAL F 7 -9.58 13.10 -4.34
CA VAL F 7 -9.98 12.91 -2.95
C VAL F 7 -8.99 13.51 -1.96
N ILE F 8 -9.46 13.70 -0.73
CA ILE F 8 -8.64 14.28 0.34
C ILE F 8 -8.09 13.20 1.27
N LEU F 9 -6.77 13.15 1.39
CA LEU F 9 -6.10 12.17 2.24
C LEU F 9 -5.48 12.81 3.48
N PRO F 10 -5.83 12.30 4.67
CA PRO F 10 -5.31 12.80 5.95
C PRO F 10 -3.98 12.12 6.27
N LEU F 11 -3.10 12.84 6.95
CA LEU F 11 -1.79 12.29 7.31
C LEU F 11 -1.40 12.81 8.70
N GLU F 12 -1.32 11.90 9.66
CA GLU F 12 -0.96 12.25 11.03
C GLU F 12 0.56 12.40 11.17
N MET F 13 0.97 13.58 11.61
CA MET F 13 2.38 13.87 11.80
C MET F 13 2.61 14.45 13.19
N LYS F 14 3.87 14.55 13.57
CA LYS F 14 4.24 15.09 14.86
C LYS F 14 4.94 16.41 14.64
N LYS F 15 4.97 17.24 15.68
CA LYS F 15 5.61 18.54 15.62
C LYS F 15 6.56 18.68 16.80
N GLY F 16 7.62 19.43 16.56
CA GLY F 16 8.62 19.70 17.58
C GLY F 16 8.99 21.15 17.40
N ARG F 17 9.99 21.63 18.14
CA ARG F 17 10.40 23.03 18.05
C ARG F 17 10.62 23.54 16.61
N GLY F 18 11.56 22.94 15.89
CA GLY F 18 11.80 23.41 14.53
C GLY F 18 11.70 22.32 13.48
N TYR F 19 10.69 21.46 13.60
CA TYR F 19 10.51 20.35 12.67
C TYR F 19 9.16 19.65 12.75
N VAL F 20 8.69 19.18 11.60
CA VAL F 20 7.44 18.45 11.47
C VAL F 20 7.90 17.10 10.95
N TYR F 21 7.42 16.01 11.56
CA TYR F 21 7.88 14.68 11.16
C TYR F 21 6.91 13.51 11.37
N GLN F 22 7.26 12.38 10.77
CA GLN F 22 6.52 11.12 10.88
C GLN F 22 7.56 10.09 10.51
N LEU F 23 8.23 9.57 11.53
CA LEU F 23 9.32 8.63 11.37
C LEU F 23 9.06 7.31 12.06
N GLU F 24 9.02 6.24 11.27
CA GLU F 24 8.80 4.88 11.76
C GLU F 24 9.86 3.96 11.18
N TYR F 25 10.27 2.97 11.96
CA TYR F 25 11.29 2.02 11.56
C TYR F 25 10.91 0.59 11.86
N HIS F 26 11.23 -0.29 10.92
CA HIS F 26 10.99 -1.71 11.08
C HIS F 26 12.35 -2.25 11.48
N LEU F 27 12.48 -2.61 12.76
CA LEU F 27 13.72 -3.13 13.30
C LEU F 27 13.60 -4.62 13.54
N ILE F 28 14.59 -5.36 13.04
CA ILE F 28 14.61 -6.81 13.17
C ILE F 28 15.99 -7.25 13.65
N TRP F 29 16.03 -8.28 14.47
CA TRP F 29 17.30 -8.84 14.95
C TRP F 29 17.02 -10.25 15.41
N CYS F 30 18.06 -11.09 15.35
CA CYS F 30 17.87 -12.49 15.72
C CYS F 30 18.61 -12.89 16.99
N VAL F 31 18.31 -14.11 17.43
CA VAL F 31 18.95 -14.67 18.60
C VAL F 31 20.30 -15.18 18.10
N LYS F 32 21.32 -15.10 18.95
CA LYS F 32 22.66 -15.57 18.61
C LYS F 32 22.56 -17.06 18.22
N TYR F 33 23.26 -17.44 17.15
CA TYR F 33 23.25 -18.82 16.64
C TYR F 33 21.86 -19.23 16.17
N ARG F 34 20.95 -18.25 16.11
CA ARG F 34 19.56 -18.46 15.70
C ARG F 34 18.86 -19.55 16.54
N HIS F 35 19.15 -19.55 17.83
CA HIS F 35 18.55 -20.53 18.73
C HIS F 35 17.14 -20.13 19.05
N GLN F 36 16.24 -21.10 18.97
CA GLN F 36 14.82 -20.86 19.23
C GLN F 36 14.53 -20.88 20.73
N VAL F 37 14.93 -19.82 21.41
CA VAL F 37 14.73 -19.73 22.85
C VAL F 37 13.62 -18.77 23.29
N LEU F 38 13.19 -17.90 22.39
CA LEU F 38 12.15 -16.93 22.72
C LEU F 38 10.75 -17.54 22.65
N VAL F 39 10.42 -18.32 23.68
CA VAL F 39 9.12 -18.99 23.74
C VAL F 39 8.54 -18.96 25.16
N GLY F 40 7.23 -19.18 25.26
CA GLY F 40 6.57 -19.20 26.54
C GLY F 40 6.73 -17.90 27.31
N GLU F 41 7.03 -18.02 28.61
CA GLU F 41 7.20 -16.84 29.45
C GLU F 41 8.49 -16.07 29.14
N VAL F 42 9.41 -16.71 28.42
CA VAL F 42 10.66 -16.05 28.03
C VAL F 42 10.29 -14.95 27.04
N ALA F 43 9.42 -15.28 26.10
CA ALA F 43 8.97 -14.34 25.09
C ALA F 43 8.18 -13.19 25.75
N ASP F 44 7.28 -13.53 26.65
CA ASP F 44 6.48 -12.53 27.36
C ASP F 44 7.35 -11.60 28.19
N GLY F 45 8.38 -12.15 28.83
CA GLY F 45 9.27 -11.35 29.63
C GLY F 45 10.04 -10.37 28.78
N LEU F 46 10.41 -10.81 27.58
CA LEU F 46 11.14 -9.97 26.64
C LEU F 46 10.26 -8.78 26.23
N LYS F 47 9.00 -9.04 25.90
CA LYS F 47 8.09 -7.98 25.51
C LYS F 47 7.98 -6.89 26.59
N ASP F 48 7.88 -7.32 27.85
CA ASP F 48 7.80 -6.38 28.98
C ASP F 48 9.07 -5.56 29.08
N ILE F 49 10.21 -6.22 28.90
CA ILE F 49 11.51 -5.54 28.97
C ILE F 49 11.65 -4.51 27.85
N LEU F 50 11.33 -4.92 26.63
CA LEU F 50 11.44 -4.05 25.46
C LEU F 50 10.53 -2.82 25.59
N ARG F 51 9.29 -3.03 26.00
CA ARG F 51 8.36 -1.91 26.17
C ARG F 51 8.86 -0.94 27.23
N ASP F 52 9.49 -1.47 28.26
CA ASP F 52 10.03 -0.64 29.33
C ASP F 52 11.17 0.22 28.76
N ILE F 53 12.10 -0.44 28.08
CA ILE F 53 13.23 0.24 27.47
C ILE F 53 12.73 1.30 26.50
N ALA F 54 11.79 0.93 25.65
CA ALA F 54 11.24 1.85 24.67
C ALA F 54 10.66 3.08 25.37
N ALA F 55 9.85 2.85 26.39
CA ALA F 55 9.22 3.93 27.15
C ALA F 55 10.27 4.83 27.79
N GLN F 56 11.32 4.24 28.35
CA GLN F 56 12.38 5.03 28.99
C GLN F 56 13.12 5.89 27.97
N ASN F 57 13.23 5.39 26.75
CA ASN F 57 13.92 6.12 25.70
C ASN F 57 12.99 6.96 24.83
N GLY F 58 11.73 7.07 25.26
CA GLY F 58 10.77 7.85 24.51
C GLY F 58 10.49 7.33 23.11
N LEU F 59 10.55 6.02 22.93
CA LEU F 59 10.30 5.41 21.63
C LEU F 59 8.91 4.78 21.66
N GLU F 60 8.08 5.13 20.69
CA GLU F 60 6.73 4.58 20.62
C GLU F 60 6.73 3.24 19.89
N VAL F 61 6.19 2.22 20.53
CA VAL F 61 6.10 0.89 19.93
C VAL F 61 4.79 0.79 19.16
N ILE F 62 4.89 0.58 17.86
CA ILE F 62 3.72 0.44 17.01
C ILE F 62 3.38 -1.04 16.89
N THR F 63 4.42 -1.86 16.72
CA THR F 63 4.25 -3.30 16.58
C THR F 63 5.41 -4.01 17.24
N MET F 64 5.12 -5.12 17.92
CA MET F 64 6.14 -5.93 18.59
C MET F 64 5.75 -7.40 18.49
N GLU F 65 6.53 -8.15 17.74
CA GLU F 65 6.28 -9.57 17.57
C GLU F 65 7.55 -10.31 17.87
N VAL F 66 7.44 -11.28 18.77
CA VAL F 66 8.60 -12.08 19.17
C VAL F 66 8.47 -13.51 18.67
N MET F 67 9.34 -13.87 17.74
CA MET F 67 9.35 -15.21 17.17
C MET F 67 10.37 -15.99 18.01
N PRO F 68 10.37 -17.33 17.91
CA PRO F 68 11.30 -18.16 18.67
C PRO F 68 12.78 -17.77 18.49
N ASP F 69 13.15 -17.41 17.25
CA ASP F 69 14.53 -17.06 16.95
C ASP F 69 14.82 -15.61 16.53
N HIS F 70 13.81 -14.75 16.54
CA HIS F 70 14.03 -13.34 16.17
C HIS F 70 12.91 -12.40 16.61
N VAL F 71 13.19 -11.11 16.56
CA VAL F 71 12.23 -10.09 16.98
C VAL F 71 11.93 -9.10 15.85
N HIS F 72 10.67 -8.68 15.79
CA HIS F 72 10.25 -7.70 14.80
C HIS F 72 9.64 -6.53 15.56
N LEU F 73 10.15 -5.33 15.31
CA LEU F 73 9.60 -4.16 15.95
C LEU F 73 9.29 -3.08 14.93
N LEU F 74 8.26 -2.31 15.20
CA LEU F 74 7.89 -1.18 14.37
C LEU F 74 7.88 -0.05 15.41
N LEU F 75 8.78 0.91 15.25
CA LEU F 75 8.90 2.01 16.19
C LEU F 75 8.64 3.37 15.57
N SER F 76 8.22 4.32 16.41
CA SER F 76 7.98 5.69 15.96
C SER F 76 8.94 6.54 16.79
N ALA F 77 9.70 7.42 16.13
CA ALA F 77 10.70 8.24 16.83
C ALA F 77 10.76 9.69 16.38
N THR F 78 11.56 10.49 17.10
CA THR F 78 11.74 11.90 16.77
C THR F 78 12.96 11.98 15.85
N PRO F 79 13.17 13.12 15.18
CA PRO F 79 14.33 13.24 14.29
C PRO F 79 15.67 13.16 15.06
N GLN F 80 15.61 13.51 16.34
CA GLN F 80 16.78 13.54 17.20
C GLN F 80 17.19 12.19 17.78
N GLN F 81 16.37 11.16 17.58
CA GLN F 81 16.72 9.82 18.09
C GLN F 81 17.46 9.01 17.02
N ALA F 82 18.79 8.97 17.14
CA ALA F 82 19.64 8.23 16.20
C ALA F 82 19.47 6.73 16.33
N ILE F 83 19.48 6.05 15.19
CA ILE F 83 19.32 4.60 15.09
C ILE F 83 20.22 3.70 15.97
N PRO F 84 21.56 3.76 15.78
CA PRO F 84 22.45 2.91 16.60
C PRO F 84 22.23 3.08 18.10
N ASP F 85 21.90 4.30 18.51
CA ASP F 85 21.66 4.60 19.91
C ASP F 85 20.45 3.84 20.47
N PHE F 86 19.33 3.83 19.74
CA PHE F 86 18.18 3.10 20.25
C PHE F 86 18.27 1.60 20.01
N VAL F 87 19.04 1.18 19.00
CA VAL F 87 19.20 -0.23 18.74
C VAL F 87 20.01 -0.80 19.90
N LYS F 88 21.08 -0.08 20.27
CA LYS F 88 21.94 -0.50 21.38
C LYS F 88 21.13 -0.59 22.67
N ALA F 89 20.39 0.47 22.97
CA ALA F 89 19.55 0.53 24.16
C ALA F 89 18.60 -0.67 24.22
N LEU F 90 17.95 -0.96 23.11
CA LEU F 90 17.02 -2.08 23.03
C LEU F 90 17.68 -3.44 23.17
N LYS F 91 18.63 -3.75 22.30
CA LYS F 91 19.33 -5.04 22.31
C LYS F 91 20.25 -5.23 23.52
N GLY F 92 21.10 -4.25 23.79
CA GLY F 92 22.02 -4.35 24.91
C GLY F 92 21.37 -4.54 26.27
N ALA F 93 20.49 -3.62 26.64
CA ALA F 93 19.81 -3.69 27.92
C ALA F 93 18.91 -4.91 28.05
N SER F 94 18.23 -5.29 26.96
CA SER F 94 17.35 -6.46 27.01
C SER F 94 18.17 -7.74 27.20
N ALA F 95 19.32 -7.83 26.54
CA ALA F 95 20.17 -9.01 26.67
C ALA F 95 20.62 -9.18 28.12
N ARG F 96 21.03 -8.08 28.74
CA ARG F 96 21.46 -8.03 30.13
C ARG F 96 20.30 -8.50 31.02
N ARG F 97 19.19 -7.76 30.98
CA ARG F 97 18.01 -8.09 31.79
C ARG F 97 17.46 -9.48 31.58
N MET F 98 17.44 -9.95 30.34
CA MET F 98 16.92 -11.28 30.03
C MET F 98 17.74 -12.39 30.68
N PHE F 99 19.06 -12.24 30.67
CA PHE F 99 19.92 -13.25 31.28
C PHE F 99 19.76 -13.30 32.80
N VAL F 100 19.46 -12.15 33.41
CA VAL F 100 19.27 -12.07 34.86
C VAL F 100 17.90 -12.66 35.23
N ALA F 101 16.88 -12.32 34.45
CA ALA F 101 15.52 -12.78 34.69
C ALA F 101 15.26 -14.23 34.29
N TYR F 102 16.00 -14.72 33.31
CA TYR F 102 15.85 -16.09 32.83
C TYR F 102 17.22 -16.74 32.64
N PRO F 103 17.90 -17.04 33.77
CA PRO F 103 19.23 -17.66 33.76
C PRO F 103 19.32 -18.96 32.93
N GLN F 104 18.19 -19.64 32.76
CA GLN F 104 18.14 -20.88 31.98
C GLN F 104 18.60 -20.69 30.53
N LEU F 105 18.58 -19.45 30.05
CA LEU F 105 19.01 -19.16 28.68
C LEU F 105 20.46 -19.54 28.47
N LYS F 106 21.24 -19.51 29.56
CA LYS F 106 22.65 -19.84 29.53
C LYS F 106 22.94 -21.28 29.10
N GLU F 107 21.91 -22.11 29.09
CA GLU F 107 22.04 -23.51 28.68
C GLU F 107 22.47 -23.59 27.21
N LYS F 108 21.89 -22.73 26.39
CA LYS F 108 22.20 -22.70 24.97
C LYS F 108 23.02 -21.48 24.56
N LEU F 109 23.09 -20.49 25.45
CA LEU F 109 23.83 -19.27 25.18
C LEU F 109 24.75 -18.94 26.35
N TRP F 110 25.90 -19.59 26.35
CA TRP F 110 26.90 -19.41 27.41
C TRP F 110 28.04 -18.48 27.03
N GLY F 111 28.04 -17.99 25.79
CA GLY F 111 29.11 -17.11 25.33
C GLY F 111 28.99 -15.64 25.68
N GLY F 112 28.00 -15.27 26.47
CA GLY F 112 27.83 -13.88 26.85
C GLY F 112 26.98 -13.05 25.89
N ASN F 113 26.36 -13.70 24.90
CA ASN F 113 25.52 -12.99 23.93
C ASN F 113 24.16 -13.66 23.77
N LEU F 114 23.10 -12.86 23.81
CA LEU F 114 21.76 -13.38 23.60
C LEU F 114 21.40 -13.09 22.15
N TRP F 115 21.86 -11.93 21.68
CA TRP F 115 21.57 -11.47 20.31
C TRP F 115 22.68 -11.60 19.28
N ASN F 116 22.26 -11.80 18.04
CA ASN F 116 23.14 -11.88 16.88
C ASN F 116 23.72 -10.45 16.85
N PRO F 117 25.00 -10.28 16.51
CA PRO F 117 25.62 -8.95 16.47
C PRO F 117 25.07 -7.99 15.40
N SER F 118 24.28 -8.50 14.47
CA SER F 118 23.71 -7.69 13.42
C SER F 118 22.24 -7.34 13.62
N TYR F 119 21.83 -6.21 13.04
CA TYR F 119 20.45 -5.78 13.09
C TYR F 119 20.03 -5.35 11.69
N CYS F 120 18.73 -5.43 11.42
CA CYS F 120 18.18 -5.07 10.11
C CYS F 120 17.16 -3.96 10.35
N ILE F 121 17.31 -2.84 9.67
CA ILE F 121 16.38 -1.73 9.85
C ILE F 121 15.92 -1.10 8.54
N LEU F 122 14.61 -0.83 8.44
CA LEU F 122 14.00 -0.22 7.27
C LEU F 122 13.10 0.95 7.65
N THR F 123 13.14 2.00 6.85
CA THR F 123 12.28 3.17 7.08
C THR F 123 10.88 2.72 6.65
N VAL F 124 9.84 3.22 7.32
CA VAL F 124 8.46 2.84 7.03
C VAL F 124 7.52 4.02 6.77
N SER F 125 6.73 3.94 5.72
CA SER F 125 5.76 4.98 5.40
C SER F 125 4.38 4.35 5.22
N GLU F 126 3.33 5.14 5.41
CA GLU F 126 1.95 4.68 5.27
C GLU F 126 1.60 4.53 3.78
N ASN F 127 2.29 5.30 2.94
CA ASN F 127 2.09 5.28 1.50
C ASN F 127 3.36 4.68 0.89
N THR F 128 3.29 4.24 -0.35
CA THR F 128 4.47 3.62 -0.99
C THR F 128 5.44 4.65 -1.52
N ARG F 129 6.70 4.24 -1.69
CA ARG F 129 7.71 5.14 -2.24
C ARG F 129 7.21 5.66 -3.59
N ALA F 130 6.63 4.78 -4.39
CA ALA F 130 6.08 5.15 -5.71
C ALA F 130 5.01 6.22 -5.58
N GLN F 131 4.09 6.04 -4.64
CA GLN F 131 3.02 7.02 -4.43
C GLN F 131 3.62 8.37 -4.03
N ILE F 132 4.61 8.32 -3.14
CA ILE F 132 5.27 9.51 -2.66
C ILE F 132 5.99 10.24 -3.79
N GLN F 133 6.63 9.48 -4.66
CA GLN F 133 7.33 10.05 -5.81
C GLN F 133 6.35 10.70 -6.77
N LYS F 134 5.15 10.12 -6.87
CA LYS F 134 4.13 10.70 -7.73
C LYS F 134 3.63 11.98 -7.10
N TYR F 135 3.49 11.98 -5.78
CA TYR F 135 3.04 13.17 -5.06
C TYR F 135 4.04 14.30 -5.27
N ILE F 136 5.32 14.00 -5.07
CA ILE F 136 6.38 14.98 -5.25
C ILE F 136 6.34 15.60 -6.65
N GLU F 137 6.13 14.75 -7.67
CA GLU F 137 6.09 15.23 -9.04
C GLU F 137 4.88 16.11 -9.34
N SER F 138 3.82 16.03 -8.54
CA SER F 138 2.65 16.87 -8.77
C SER F 138 2.81 18.21 -8.04
N GLN F 139 4.06 18.58 -7.77
CA GLN F 139 4.41 19.83 -7.09
C GLN F 139 3.53 20.15 -5.88
MG MG I . -12.99 -24.21 -15.12
MG MG J . -30.09 2.67 -11.20
MG MG K . 15.93 25.07 12.74
MG MG L . 26.67 -5.17 16.09
#